data_2VL7
#
_entry.id   2VL7
#
_cell.length_a   95.713
_cell.length_b   100.294
_cell.length_c   62.488
_cell.angle_alpha   90.00
_cell.angle_beta   90.00
_cell.angle_gamma   90.00
#
_symmetry.space_group_name_H-M   'P 21 21 2'
#
loop_
_entity.id
_entity.type
_entity.pdbx_description
1 polymer XPD
2 non-polymer 'PHOSPHATE ION'
3 water water
#
_entity_poly.entity_id   1
_entity_poly.type   'polypeptide(L)'
_entity_poly.pdbx_seq_one_letter_code
;MEVLKLQLRQWQAEKLGEAINALKHGKTLLLNAKPGLGKTVFVEVLGMQLKKKVLIFTRTHSQLDSIYKNAKLLGLKTGF
LIGKSASCIYAQGDEEPDEINCSKCRLKDKIKTIEDKEPSKLIEEFKDAVDYCPYYSLRANLKDKDVIAMTYPYLFQKPI
RNSVFCNKDDCLKLEDYLIVIDEAHNLLEADKWFTRKISRKMLERALKEIEIVERLNRIDAKKVKDYINLLIDYMSKLIK
DGRCHELSLMPLPDRETNGELIVVTRAYLNIDEGPVKKSSLKSLLKFVEMKGDLYNCNGSLVKVPSDVNQLIEDALNVKT
FKVLMSGTLPESLTLTNSYKIVVNESYGRGEYYYCPNVTSELRKRNSNIPIYSILLKRIYENSSKSVLVFFPSYEMLESV
RIHLSGIPVIEENKKTRHEEVLELMKTGKYLVMLVMRAKESEGVEFREKENLFESLVLAGLPYPNVSDDMVRKRIERLSK
LTGKDEDSIIHDLTAIVIKQTIGRAFRDPNDYVKIYLCDSRYREYFADLGISEKEIKLFA
;
_entity_poly.pdbx_strand_id   A
#
# COMPACT_ATOMS: atom_id res chain seq x y z
N ARG A 9 -24.15 -9.53 7.98
CA ARG A 9 -25.34 -9.69 7.08
C ARG A 9 -26.67 -9.29 7.75
N GLN A 10 -26.58 -8.52 8.83
CA GLN A 10 -27.70 -7.70 9.27
C GLN A 10 -27.55 -6.37 8.56
N TRP A 11 -26.31 -5.91 8.51
CA TRP A 11 -25.95 -4.62 7.93
C TRP A 11 -26.11 -4.57 6.40
N GLN A 12 -25.86 -5.70 5.74
CA GLN A 12 -26.00 -5.82 4.30
C GLN A 12 -27.37 -5.31 3.85
N ALA A 13 -28.42 -5.80 4.51
CA ALA A 13 -29.80 -5.48 4.14
C ALA A 13 -30.26 -4.10 4.64
N GLU A 14 -29.77 -3.70 5.82
CA GLU A 14 -30.20 -2.42 6.40
C GLU A 14 -29.54 -1.22 5.72
N LYS A 15 -28.29 -1.36 5.29
CA LYS A 15 -27.55 -0.25 4.69
C LYS A 15 -27.70 -0.16 3.15
N LEU A 16 -28.36 -1.15 2.54
CA LEU A 16 -28.55 -1.18 1.07
C LEU A 16 -29.30 0.03 0.49
N GLY A 17 -30.46 0.34 1.05
CA GLY A 17 -31.25 1.50 0.58
C GLY A 17 -30.51 2.83 0.69
N GLU A 18 -29.76 2.99 1.77
CA GLU A 18 -28.92 4.17 1.95
C GLU A 18 -27.88 4.28 0.85
N ALA A 19 -27.18 3.17 0.58
CA ALA A 19 -26.12 3.12 -0.43
C ALA A 19 -26.69 3.37 -1.81
N ILE A 20 -27.77 2.65 -2.15
CA ILE A 20 -28.49 2.85 -3.42
C ILE A 20 -28.88 4.32 -3.61
N ASN A 21 -29.50 4.92 -2.61
CA ASN A 21 -29.96 6.30 -2.72
C ASN A 21 -28.83 7.30 -2.80
N ALA A 22 -27.75 7.06 -2.07
CA ALA A 22 -26.54 7.86 -2.21
C ALA A 22 -26.08 7.85 -3.68
N LEU A 23 -25.93 6.66 -4.24
CA LEU A 23 -25.42 6.47 -5.59
C LEU A 23 -26.40 7.01 -6.65
N LYS A 24 -27.69 6.75 -6.49
CA LYS A 24 -28.68 7.27 -7.43
C LYS A 24 -28.67 8.81 -7.46
N HIS A 25 -28.29 9.42 -6.34
CA HIS A 25 -28.29 10.88 -6.22
C HIS A 25 -26.93 11.47 -6.52
N GLY A 26 -26.03 10.67 -7.09
CA GLY A 26 -24.82 11.17 -7.71
C GLY A 26 -23.61 11.21 -6.79
N LYS A 27 -23.74 10.66 -5.58
CA LYS A 27 -22.63 10.67 -4.64
C LYS A 27 -21.70 9.51 -4.90
N THR A 28 -20.43 9.74 -4.58
CA THR A 28 -19.43 8.69 -4.53
C THR A 28 -19.50 8.11 -3.13
N LEU A 29 -19.78 6.81 -3.06
CA LEU A 29 -19.97 6.10 -1.79
C LEU A 29 -18.64 5.67 -1.20
N LEU A 30 -18.47 6.00 0.10
CA LEU A 30 -17.35 5.54 0.88
C LEU A 30 -17.92 4.56 1.88
N LEU A 31 -17.34 3.38 1.94
CA LEU A 31 -17.87 2.28 2.74
C LEU A 31 -16.81 1.72 3.68
N ASN A 32 -17.08 1.85 4.98
CA ASN A 32 -16.22 1.24 5.98
C ASN A 32 -16.87 0.01 6.54
N ALA A 33 -16.12 -1.10 6.47
CA ALA A 33 -16.56 -2.40 6.97
C ALA A 33 -15.31 -3.19 7.32
N LYS A 34 -15.11 -3.44 8.61
CA LYS A 34 -13.97 -4.23 9.09
C LYS A 34 -13.92 -5.55 8.34
N PRO A 35 -12.69 -6.07 8.08
CA PRO A 35 -12.51 -7.39 7.47
C PRO A 35 -13.39 -8.48 8.11
N GLY A 36 -14.08 -9.26 7.28
CA GLY A 36 -14.99 -10.30 7.75
C GLY A 36 -16.45 -9.92 7.63
N LEU A 37 -16.74 -8.62 7.52
CA LEU A 37 -18.11 -8.13 7.37
C LEU A 37 -18.73 -8.50 6.01
N GLY A 38 -17.88 -8.72 5.00
CA GLY A 38 -18.35 -9.17 3.69
C GLY A 38 -18.65 -8.00 2.78
N LYS A 39 -17.71 -7.06 2.73
CA LYS A 39 -17.80 -5.88 1.86
C LYS A 39 -18.09 -6.29 0.42
N THR A 40 -17.26 -7.21 -0.08
CA THR A 40 -17.35 -7.69 -1.46
C THR A 40 -18.76 -8.23 -1.83
N VAL A 41 -19.41 -8.91 -0.91
CA VAL A 41 -20.76 -9.46 -1.17
C VAL A 41 -21.83 -8.37 -1.26
N PHE A 42 -21.68 -7.34 -0.42
CA PHE A 42 -22.57 -6.18 -0.43
C PHE A 42 -22.47 -5.39 -1.72
N VAL A 43 -21.24 -5.12 -2.14
CA VAL A 43 -21.02 -4.34 -3.36
C VAL A 43 -21.43 -5.16 -4.57
N GLU A 44 -21.46 -6.48 -4.39
CA GLU A 44 -21.94 -7.42 -5.38
C GLU A 44 -23.46 -7.38 -5.48
N VAL A 45 -24.16 -7.43 -4.34
CA VAL A 45 -25.60 -7.18 -4.34
C VAL A 45 -25.89 -5.79 -4.90
N LEU A 46 -25.11 -4.80 -4.47
CA LEU A 46 -25.23 -3.42 -4.96
C LEU A 46 -25.27 -3.33 -6.50
N GLY A 47 -24.33 -4.00 -7.16
CA GLY A 47 -24.24 -3.95 -8.62
C GLY A 47 -25.49 -4.49 -9.28
N MET A 48 -26.02 -5.57 -8.72
CA MET A 48 -27.15 -6.27 -9.31
C MET A 48 -28.43 -5.43 -9.20
N GLN A 49 -28.53 -4.66 -8.12
CA GLN A 49 -29.67 -3.80 -7.87
C GLN A 49 -29.64 -2.49 -8.71
N LEU A 50 -28.44 -2.03 -9.08
CA LEU A 50 -28.27 -0.80 -9.89
C LEU A 50 -28.31 -1.03 -11.42
N LYS A 51 -28.30 -2.30 -11.82
CA LYS A 51 -28.34 -2.71 -13.23
C LYS A 51 -27.07 -2.36 -13.98
N LYS A 52 -25.97 -2.43 -13.24
CA LYS A 52 -24.63 -2.27 -13.78
C LYS A 52 -23.86 -3.54 -13.51
N LYS A 53 -22.94 -3.84 -14.42
CA LYS A 53 -21.93 -4.86 -14.17
C LYS A 53 -20.95 -4.26 -13.15
N VAL A 54 -20.23 -5.12 -12.44
CA VAL A 54 -19.30 -4.67 -11.40
C VAL A 54 -17.85 -4.76 -11.85
N LEU A 55 -17.10 -3.69 -11.56
CA LEU A 55 -15.69 -3.60 -11.88
C LEU A 55 -14.92 -3.20 -10.62
N ILE A 56 -14.23 -4.17 -10.02
CA ILE A 56 -13.50 -3.96 -8.78
C ILE A 56 -11.99 -3.80 -9.05
N PHE A 57 -11.43 -2.70 -8.59
CA PHE A 57 -10.00 -2.46 -8.65
C PHE A 57 -9.40 -2.71 -7.28
N THR A 58 -8.41 -3.59 -7.25
CA THR A 58 -7.80 -3.94 -6.00
C THR A 58 -6.28 -3.79 -6.08
N ARG A 59 -5.62 -3.94 -4.95
CA ARG A 59 -4.18 -3.76 -4.87
C ARG A 59 -3.42 -4.95 -5.43
N THR A 60 -3.76 -6.14 -4.95
CA THR A 60 -2.96 -7.34 -5.21
C THR A 60 -3.72 -8.41 -5.99
N HIS A 61 -2.97 -9.26 -6.67
CA HIS A 61 -3.55 -10.39 -7.39
C HIS A 61 -4.16 -11.43 -6.42
N SER A 62 -3.69 -11.43 -5.17
CA SER A 62 -4.28 -12.25 -4.10
C SER A 62 -5.73 -11.86 -3.78
N GLN A 63 -5.99 -10.55 -3.75
CA GLN A 63 -7.35 -10.05 -3.50
C GLN A 63 -8.26 -10.35 -4.70
N LEU A 64 -7.66 -10.39 -5.89
CA LEU A 64 -8.35 -10.72 -7.13
C LEU A 64 -8.93 -12.15 -7.09
N ASP A 65 -8.19 -13.06 -6.44
CA ASP A 65 -8.66 -14.44 -6.26
C ASP A 65 -9.88 -14.48 -5.32
N SER A 66 -9.78 -13.74 -4.21
CA SER A 66 -10.86 -13.63 -3.24
C SER A 66 -12.16 -13.16 -3.88
N ILE A 67 -12.05 -12.20 -4.80
CA ILE A 67 -13.20 -11.67 -5.54
C ILE A 67 -13.87 -12.75 -6.40
N TYR A 68 -13.03 -13.55 -7.07
CA TYR A 68 -13.47 -14.64 -7.95
C TYR A 68 -14.20 -15.75 -7.18
N LYS A 69 -13.72 -16.05 -5.97
CA LYS A 69 -14.31 -17.11 -5.15
C LYS A 69 -15.64 -16.71 -4.51
N ASN A 70 -15.97 -15.43 -4.56
CA ASN A 70 -17.20 -14.91 -3.96
C ASN A 70 -18.29 -14.65 -5.00
N ALA A 71 -17.90 -14.07 -6.14
CA ALA A 71 -18.81 -13.87 -7.27
C ALA A 71 -19.34 -15.20 -7.80
N LYS A 72 -18.46 -16.19 -7.93
CA LYS A 72 -18.83 -17.51 -8.42
C LYS A 72 -19.94 -18.12 -7.57
N LEU A 73 -19.81 -18.05 -6.26
CA LEU A 73 -20.82 -18.62 -5.35
C LEU A 73 -22.08 -17.76 -5.21
N LEU A 74 -22.16 -16.65 -5.96
CA LEU A 74 -23.41 -15.91 -6.14
C LEU A 74 -24.03 -16.19 -7.53
N GLY A 75 -23.43 -17.12 -8.27
CA GLY A 75 -23.87 -17.41 -9.63
C GLY A 75 -23.59 -16.28 -10.61
N LEU A 76 -22.56 -15.48 -10.32
CA LEU A 76 -22.15 -14.39 -11.21
C LEU A 76 -21.02 -14.83 -12.12
N LYS A 77 -21.07 -14.36 -13.36
CA LYS A 77 -20.01 -14.60 -14.33
C LYS A 77 -18.89 -13.59 -14.07
N THR A 78 -17.69 -14.10 -13.80
CA THR A 78 -16.59 -13.28 -13.29
C THR A 78 -15.31 -13.41 -14.12
N GLY A 79 -14.47 -12.37 -14.06
CA GLY A 79 -13.20 -12.36 -14.79
C GLY A 79 -12.15 -11.50 -14.12
N PHE A 80 -10.88 -11.80 -14.41
CA PHE A 80 -9.75 -11.08 -13.81
C PHE A 80 -8.82 -10.53 -14.90
N LEU A 81 -8.01 -9.54 -14.53
CA LEU A 81 -7.05 -8.93 -15.45
C LEU A 81 -5.80 -8.47 -14.69
N ARG A 139 -10.50 -8.23 -24.82
CA ARG A 139 -11.63 -7.79 -24.00
C ARG A 139 -12.93 -8.52 -24.35
N ALA A 140 -12.88 -9.41 -25.34
CA ALA A 140 -14.05 -10.16 -25.79
C ALA A 140 -14.59 -11.14 -24.74
N ASN A 141 -13.72 -11.55 -23.81
CA ASN A 141 -14.09 -12.47 -22.74
C ASN A 141 -14.80 -11.75 -21.62
N LEU A 142 -14.28 -10.58 -21.26
CA LEU A 142 -14.81 -9.82 -20.12
C LEU A 142 -16.17 -9.17 -20.43
N LYS A 143 -16.35 -8.74 -21.67
CA LYS A 143 -17.55 -7.99 -22.10
C LYS A 143 -18.89 -8.51 -21.57
N ASP A 144 -19.06 -9.83 -21.50
CA ASP A 144 -20.34 -10.42 -21.05
C ASP A 144 -20.37 -10.84 -19.57
N LYS A 145 -19.35 -10.45 -18.80
CA LYS A 145 -19.23 -10.87 -17.40
C LYS A 145 -20.00 -9.99 -16.43
N ASP A 146 -20.45 -10.59 -15.31
CA ASP A 146 -21.19 -9.88 -14.29
C ASP A 146 -20.26 -9.05 -13.41
N VAL A 147 -19.08 -9.59 -13.13
CA VAL A 147 -18.09 -8.96 -12.26
C VAL A 147 -16.69 -9.08 -12.88
N ILE A 148 -16.00 -7.94 -13.02
CA ILE A 148 -14.62 -7.89 -13.48
C ILE A 148 -13.73 -7.35 -12.36
N ALA A 149 -12.58 -8.00 -12.14
CA ALA A 149 -11.63 -7.52 -11.15
C ALA A 149 -10.26 -7.20 -11.79
N MET A 150 -9.70 -6.04 -11.44
CA MET A 150 -8.36 -5.65 -11.90
C MET A 150 -7.55 -5.02 -10.78
N THR A 151 -6.28 -4.72 -11.08
CA THR A 151 -5.40 -4.00 -10.16
C THR A 151 -5.46 -2.50 -10.43
N TYR A 152 -5.00 -1.72 -9.45
CA TYR A 152 -5.14 -0.27 -9.47
C TYR A 152 -4.63 0.43 -10.72
N PRO A 153 -3.44 0.04 -11.24
CA PRO A 153 -2.91 0.72 -12.42
C PRO A 153 -3.91 0.83 -13.58
N TYR A 154 -4.71 -0.21 -13.78
CA TYR A 154 -5.76 -0.25 -14.81
C TYR A 154 -6.80 0.87 -14.72
N LEU A 155 -6.95 1.50 -13.56
CA LEU A 155 -7.77 2.70 -13.43
C LEU A 155 -6.91 3.95 -13.27
N PHE A 156 -5.82 3.84 -12.52
CA PHE A 156 -5.12 5.01 -12.02
C PHE A 156 -3.93 5.46 -12.85
N GLN A 157 -3.39 4.59 -13.71
CA GLN A 157 -2.34 4.95 -14.66
C GLN A 157 -2.94 5.33 -16.01
N LYS A 158 -3.08 6.63 -16.24
CA LYS A 158 -3.71 7.18 -17.45
C LYS A 158 -3.41 6.35 -18.71
N PRO A 159 -2.13 6.08 -19.02
CA PRO A 159 -1.83 5.29 -20.23
C PRO A 159 -2.29 3.84 -20.25
N ILE A 160 -2.35 3.18 -19.09
CA ILE A 160 -2.87 1.80 -19.01
C ILE A 160 -4.39 1.78 -19.10
N ARG A 161 -5.01 2.68 -18.35
CA ARG A 161 -6.46 2.88 -18.39
C ARG A 161 -6.96 3.16 -19.81
N ASN A 162 -6.28 4.05 -20.55
CA ASN A 162 -6.65 4.38 -21.94
C ASN A 162 -6.47 3.25 -22.96
N SER A 163 -5.63 2.27 -22.66
CA SER A 163 -5.45 1.13 -23.53
C SER A 163 -6.56 0.09 -23.33
N VAL A 164 -7.05 -0.03 -22.10
CA VAL A 164 -8.11 -0.98 -21.78
C VAL A 164 -9.48 -0.35 -22.00
N PHE A 165 -9.65 0.88 -21.54
CA PHE A 165 -10.94 1.58 -21.62
C PHE A 165 -10.94 2.68 -22.70
N CYS A 166 -10.56 2.30 -23.92
CA CYS A 166 -10.47 3.21 -25.06
C CYS A 166 -11.87 3.67 -25.53
N ASN A 167 -11.92 4.42 -26.62
CA ASN A 167 -13.21 4.87 -27.21
C ASN A 167 -13.75 3.91 -28.29
N LYS A 168 -12.89 3.08 -28.85
CA LYS A 168 -13.26 2.21 -29.97
C LYS A 168 -14.27 1.13 -29.57
N ASP A 169 -14.79 0.44 -30.57
CA ASP A 169 -15.80 -0.62 -30.38
C ASP A 169 -15.36 -1.67 -29.36
N ASP A 170 -14.22 -2.29 -29.62
CA ASP A 170 -13.73 -3.43 -28.82
C ASP A 170 -13.09 -3.02 -27.48
N CYS A 171 -13.57 -1.91 -26.91
CA CYS A 171 -13.09 -1.43 -25.64
C CYS A 171 -14.19 -1.57 -24.61
N LEU A 172 -13.80 -1.94 -23.40
CA LEU A 172 -14.69 -1.85 -22.26
C LEU A 172 -14.91 -0.37 -22.00
N LYS A 173 -16.16 0.00 -21.68
CA LYS A 173 -16.49 1.37 -21.29
C LYS A 173 -16.70 1.41 -19.78
N LEU A 174 -15.94 2.28 -19.11
CA LEU A 174 -16.06 2.47 -17.65
C LEU A 174 -17.47 2.86 -17.19
N GLU A 175 -18.20 3.57 -18.05
CA GLU A 175 -19.56 4.01 -17.75
C GLU A 175 -20.56 2.85 -17.63
N ASP A 176 -20.20 1.67 -18.10
CA ASP A 176 -21.07 0.49 -18.04
C ASP A 176 -20.96 -0.24 -16.72
N TYR A 177 -20.07 0.21 -15.83
CA TYR A 177 -19.83 -0.45 -14.56
C TYR A 177 -20.12 0.41 -13.33
N LEU A 178 -20.54 -0.27 -12.26
CA LEU A 178 -20.36 0.22 -10.91
C LEU A 178 -18.90 -0.02 -10.61
N ILE A 179 -18.19 1.06 -10.30
CA ILE A 179 -16.76 1.00 -10.06
C ILE A 179 -16.46 0.92 -8.58
N VAL A 180 -15.72 -0.11 -8.18
CA VAL A 180 -15.31 -0.27 -6.79
C VAL A 180 -13.79 -0.20 -6.65
N ILE A 181 -13.34 0.71 -5.80
CA ILE A 181 -11.98 0.75 -5.32
C ILE A 181 -11.96 0.04 -3.97
N ASP A 182 -11.41 -1.16 -3.96
CA ASP A 182 -11.24 -1.90 -2.73
C ASP A 182 -9.97 -1.51 -2.02
N GLU A 183 -9.94 -1.77 -0.72
CA GLU A 183 -8.81 -1.44 0.12
C GLU A 183 -8.40 0.00 -0.14
N ALA A 184 -9.40 0.87 -0.15
CA ALA A 184 -9.25 2.25 -0.63
C ALA A 184 -8.33 3.11 0.25
N HIS A 185 -8.06 2.66 1.46
CA HIS A 185 -7.04 3.29 2.31
C HIS A 185 -5.66 3.41 1.61
N ASN A 186 -5.38 2.55 0.63
CA ASN A 186 -4.12 2.57 -0.11
C ASN A 186 -3.99 3.85 -0.94
N LEU A 187 -5.11 4.50 -1.26
CA LEU A 187 -5.05 5.79 -1.96
C LEU A 187 -4.27 6.87 -1.21
N LEU A 188 -4.13 6.76 0.11
CA LEU A 188 -3.35 7.71 0.91
C LEU A 188 -1.89 7.78 0.51
N GLU A 189 -1.40 6.66 -0.01
CA GLU A 189 -0.03 6.56 -0.43
C GLU A 189 0.10 6.49 -1.94
N ALA A 190 -0.92 6.96 -2.66
CA ALA A 190 -0.94 6.85 -4.11
C ALA A 190 0.20 7.64 -4.78
N ASP A 191 0.81 8.59 -4.06
CA ASP A 191 1.98 9.30 -4.60
C ASP A 191 3.12 8.32 -4.96
N LYS A 192 3.19 7.18 -4.27
CA LYS A 192 4.19 6.16 -4.59
C LYS A 192 3.98 5.53 -5.97
N TRP A 193 2.73 5.47 -6.41
CA TRP A 193 2.38 4.83 -7.69
C TRP A 193 3.00 5.49 -8.91
N PHE A 194 3.23 6.81 -8.84
CA PHE A 194 3.67 7.58 -10.00
C PHE A 194 5.10 8.03 -9.91
N THR A 195 5.81 7.49 -8.92
CA THR A 195 7.21 7.79 -8.67
C THR A 195 8.11 7.16 -9.73
N ARG A 196 9.21 7.83 -10.05
CA ARG A 196 10.23 7.27 -10.90
C ARG A 196 11.58 7.37 -10.19
N LYS A 197 12.45 6.40 -10.44
CA LYS A 197 13.73 6.29 -9.75
C LYS A 197 14.88 6.12 -10.75
N ILE A 198 16.00 6.78 -10.47
CA ILE A 198 17.27 6.54 -11.15
C ILE A 198 18.29 6.02 -10.15
N SER A 199 18.94 4.91 -10.46
CA SER A 199 19.94 4.35 -9.57
C SER A 199 21.28 4.30 -10.28
N ARG A 200 22.34 4.14 -9.50
CA ARG A 200 23.67 3.92 -10.06
C ARG A 200 23.62 2.75 -11.05
N LYS A 201 23.07 1.62 -10.60
CA LYS A 201 23.05 0.42 -11.41
C LYS A 201 22.30 0.64 -12.74
N MET A 202 21.22 1.40 -12.69
CA MET A 202 20.46 1.72 -13.89
C MET A 202 21.30 2.54 -14.87
N LEU A 203 22.09 3.47 -14.34
CA LEU A 203 22.93 4.34 -15.18
C LEU A 203 24.08 3.56 -15.82
N GLU A 204 24.74 2.70 -15.04
CA GLU A 204 25.73 1.75 -15.58
C GLU A 204 25.09 0.85 -16.64
N ARG A 205 23.87 0.38 -16.37
CA ARG A 205 23.09 -0.39 -17.37
C ARG A 205 22.82 0.44 -18.65
N ALA A 206 22.50 1.72 -18.47
CA ALA A 206 22.31 2.62 -19.61
C ALA A 206 23.58 2.78 -20.46
N LEU A 207 24.75 2.77 -19.81
CA LEU A 207 26.05 2.89 -20.51
C LEU A 207 26.36 1.67 -21.41
N LYS A 208 25.86 0.50 -21.04
CA LYS A 208 25.96 -0.70 -21.90
C LYS A 208 25.06 -0.55 -23.11
N GLU A 209 23.85 -0.03 -22.86
CA GLU A 209 22.87 0.16 -23.92
C GLU A 209 23.41 1.17 -24.92
N ILE A 210 24.19 2.14 -24.45
CA ILE A 210 24.80 3.11 -25.35
C ILE A 210 25.91 2.42 -26.14
N GLU A 211 26.73 1.64 -25.44
CA GLU A 211 27.83 0.92 -26.07
C GLU A 211 27.35 -0.01 -27.18
N ILE A 212 26.27 -0.75 -26.91
CA ILE A 212 25.63 -1.59 -27.93
C ILE A 212 25.26 -0.78 -29.18
N VAL A 213 24.61 0.36 -29.00
CA VAL A 213 24.20 1.21 -30.13
C VAL A 213 25.43 1.77 -30.86
N GLU A 214 26.47 2.10 -30.10
CA GLU A 214 27.71 2.61 -30.70
C GLU A 214 28.46 1.54 -31.46
N ARG A 215 28.32 0.29 -31.02
CA ARG A 215 29.01 -0.83 -31.65
C ARG A 215 28.18 -1.48 -32.76
N LEU A 216 26.87 -1.24 -32.78
CA LEU A 216 25.99 -1.74 -33.83
C LEU A 216 25.60 -0.64 -34.82
N ASN A 217 24.62 0.18 -34.47
CA ASN A 217 24.20 1.31 -35.32
C ASN A 217 25.40 2.17 -35.71
N ARG A 218 26.36 2.29 -34.79
CA ARG A 218 27.62 3.02 -35.00
C ARG A 218 27.37 4.52 -35.15
N ILE A 219 27.19 5.18 -34.01
CA ILE A 219 27.01 6.64 -33.95
C ILE A 219 27.76 7.19 -32.74
N ASP A 220 27.85 8.51 -32.63
CA ASP A 220 28.60 9.15 -31.56
C ASP A 220 27.66 9.68 -30.49
N ALA A 221 27.64 8.99 -29.34
CA ALA A 221 26.84 9.40 -28.18
C ALA A 221 27.76 9.87 -27.04
N LYS A 222 28.81 10.59 -27.40
CA LYS A 222 29.81 11.05 -26.46
C LYS A 222 29.18 11.98 -25.40
N LYS A 223 28.30 12.88 -25.85
CA LYS A 223 27.67 13.84 -24.93
C LYS A 223 26.78 13.15 -23.92
N VAL A 224 26.11 12.07 -24.32
CA VAL A 224 25.23 11.35 -23.40
C VAL A 224 26.07 10.58 -22.37
N LYS A 225 27.12 9.91 -22.83
CA LYS A 225 27.96 9.13 -21.92
C LYS A 225 28.57 10.02 -20.85
N ASP A 226 29.07 11.18 -21.27
CA ASP A 226 29.62 12.15 -20.35
C ASP A 226 28.58 12.68 -19.37
N TYR A 227 27.35 12.89 -19.84
CA TYR A 227 26.32 13.34 -18.92
C TYR A 227 26.05 12.25 -17.89
N ILE A 228 25.92 11.01 -18.35
CA ILE A 228 25.63 9.89 -17.45
C ILE A 228 26.73 9.75 -16.38
N ASN A 229 27.98 9.83 -16.81
CA ASN A 229 29.13 9.77 -15.89
C ASN A 229 29.20 10.96 -14.94
N LEU A 230 28.79 12.13 -15.42
CA LEU A 230 28.62 13.28 -14.54
C LEU A 230 27.53 13.02 -13.49
N LEU A 231 26.42 12.41 -13.90
CA LEU A 231 25.31 12.08 -12.98
C LEU A 231 25.74 10.99 -11.98
N ILE A 232 26.52 10.02 -12.46
CA ILE A 232 27.07 8.97 -11.61
C ILE A 232 27.90 9.60 -10.48
N ASP A 233 28.82 10.48 -10.85
CA ASP A 233 29.68 11.18 -9.86
C ASP A 233 28.84 11.97 -8.85
N TYR A 234 27.83 12.67 -9.35
CA TYR A 234 26.94 13.44 -8.49
C TYR A 234 26.21 12.54 -7.49
N MET A 235 25.75 11.38 -7.96
CA MET A 235 25.03 10.43 -7.10
C MET A 235 25.92 9.73 -6.08
N SER A 236 27.20 9.59 -6.41
CA SER A 236 28.16 8.97 -5.49
C SER A 236 28.38 9.80 -4.22
N LYS A 237 28.01 11.07 -4.27
CA LYS A 237 28.19 12.00 -3.15
C LYS A 237 26.95 12.11 -2.29
N LEU A 238 25.89 11.41 -2.67
CA LEU A 238 24.65 11.50 -1.92
C LEU A 238 24.79 10.70 -0.65
N ILE A 239 24.36 11.29 0.47
CA ILE A 239 24.30 10.59 1.74
C ILE A 239 23.31 9.44 1.61
N LYS A 240 23.75 8.29 2.09
CA LYS A 240 23.08 7.03 1.92
C LYS A 240 22.76 6.53 3.31
N ASP A 241 21.60 6.95 3.82
CA ASP A 241 21.13 6.52 5.14
C ASP A 241 19.77 5.79 4.98
N GLY A 242 18.95 5.72 6.02
CA GLY A 242 17.70 4.97 5.88
C GLY A 242 16.64 5.53 4.92
N ARG A 243 16.75 6.79 4.53
CA ARG A 243 15.56 7.54 4.10
C ARG A 243 15.72 8.49 2.92
N CYS A 244 14.60 9.12 2.57
CA CYS A 244 14.52 10.12 1.51
C CYS A 244 14.81 11.52 2.03
N HIS A 245 15.59 12.25 1.25
CA HIS A 245 16.00 13.61 1.54
C HIS A 245 15.66 14.45 0.33
N GLU A 246 14.92 15.52 0.56
CA GLU A 246 14.46 16.36 -0.54
C GLU A 246 15.62 17.09 -1.18
N LEU A 247 15.53 17.25 -2.49
CA LEU A 247 16.55 17.93 -3.28
C LEU A 247 15.90 19.01 -4.09
N SER A 248 16.64 20.09 -4.29
CA SER A 248 16.13 21.28 -4.99
C SER A 248 16.40 21.22 -6.49
N LEU A 249 17.39 20.44 -6.88
CA LEU A 249 17.71 20.26 -8.28
C LEU A 249 18.83 19.24 -8.42
N MET A 250 19.09 18.84 -9.67
CA MET A 250 20.15 17.91 -10.02
C MET A 250 20.75 18.34 -11.38
N PRO A 251 21.93 17.80 -11.73
CA PRO A 251 22.45 18.06 -13.07
C PRO A 251 21.53 17.34 -14.10
N LEU A 252 21.10 18.10 -15.10
CA LEU A 252 20.25 17.57 -16.18
C LEU A 252 20.95 17.82 -17.51
N PRO A 253 20.59 17.03 -18.54
CA PRO A 253 21.21 17.17 -19.85
C PRO A 253 21.04 18.57 -20.42
N ASP A 254 22.08 19.12 -21.06
CA ASP A 254 21.91 20.37 -21.81
C ASP A 254 21.16 20.04 -23.08
N ARG A 255 20.90 21.03 -23.92
CA ARG A 255 20.04 20.82 -25.08
C ARG A 255 20.53 19.76 -26.07
N GLU A 256 21.83 19.81 -26.38
CA GLU A 256 22.41 18.88 -27.37
C GLU A 256 22.39 17.46 -26.84
N THR A 257 22.74 17.32 -25.57
CA THR A 257 22.80 16.04 -24.90
C THR A 257 21.41 15.42 -24.82
N ASN A 258 20.41 16.25 -24.51
CA ASN A 258 19.03 15.80 -24.52
C ASN A 258 18.61 15.28 -25.90
N GLY A 259 19.02 15.99 -26.95
CA GLY A 259 18.76 15.56 -28.32
C GLY A 259 19.36 14.19 -28.62
N GLU A 260 20.61 14.00 -28.22
CA GLU A 260 21.29 12.71 -28.41
C GLU A 260 20.63 11.60 -27.61
N LEU A 261 20.32 11.91 -26.36
CA LEU A 261 19.64 10.97 -25.50
C LEU A 261 18.36 10.42 -26.15
N ILE A 262 17.55 11.31 -26.71
CA ILE A 262 16.32 10.89 -27.37
C ILE A 262 16.66 9.93 -28.49
N VAL A 263 17.69 10.28 -29.26
CA VAL A 263 18.07 9.52 -30.43
C VAL A 263 18.66 8.16 -30.06
N VAL A 264 19.63 8.13 -29.14
CA VAL A 264 20.25 6.87 -28.75
C VAL A 264 19.26 5.94 -28.04
N THR A 265 18.32 6.52 -27.29
CA THR A 265 17.28 5.74 -26.65
C THR A 265 16.42 5.06 -27.71
N ARG A 266 15.97 5.84 -28.70
CA ARG A 266 15.07 5.33 -29.74
C ARG A 266 15.74 4.24 -30.59
N ALA A 267 17.05 4.37 -30.79
CA ALA A 267 17.83 3.37 -31.53
C ALA A 267 18.04 2.10 -30.72
N TYR A 268 18.30 2.24 -29.42
CA TYR A 268 18.41 1.06 -28.57
C TYR A 268 17.07 0.32 -28.51
N LEU A 269 15.97 1.05 -28.45
CA LEU A 269 14.64 0.43 -28.39
C LEU A 269 14.29 -0.33 -29.67
N ASN A 270 14.78 0.17 -30.80
CA ASN A 270 14.67 -0.53 -32.08
C ASN A 270 15.67 -1.67 -32.19
N ILE A 271 16.58 -1.71 -31.23
CA ILE A 271 17.38 -2.91 -30.94
C ILE A 271 16.80 -4.04 -30.06
N ASP A 272 16.00 -3.65 -29.06
CA ASP A 272 15.17 -4.57 -28.27
C ASP A 272 14.14 -5.23 -29.17
N GLU A 273 14.40 -6.48 -29.57
CA GLU A 273 13.48 -7.25 -30.39
C GLU A 273 12.37 -7.94 -29.56
N GLY A 274 12.03 -7.35 -28.42
CA GLY A 274 10.80 -7.69 -27.71
C GLY A 274 9.88 -6.49 -27.79
N PRO A 275 8.56 -6.73 -27.95
CA PRO A 275 7.62 -5.60 -28.08
C PRO A 275 7.57 -4.74 -26.82
N VAL A 276 6.98 -5.25 -25.74
CA VAL A 276 7.03 -4.54 -24.46
C VAL A 276 8.39 -4.85 -23.84
N LYS A 277 9.30 -3.88 -23.88
CA LYS A 277 10.70 -4.13 -23.52
C LYS A 277 11.41 -2.98 -22.82
N LYS A 278 11.56 -3.14 -21.50
CA LYS A 278 12.65 -2.59 -20.68
C LYS A 278 13.77 -1.83 -21.41
N SER A 279 14.15 -0.68 -20.87
CA SER A 279 15.37 0.04 -21.27
C SER A 279 15.72 1.09 -20.22
N SER A 280 16.97 1.07 -19.75
CA SER A 280 17.44 2.06 -18.76
C SER A 280 17.68 3.46 -19.32
N LEU A 281 18.05 3.56 -20.59
CA LEU A 281 18.10 4.85 -21.30
C LEU A 281 16.72 5.50 -21.32
N LYS A 282 15.70 4.70 -21.60
CA LYS A 282 14.32 5.18 -21.68
C LYS A 282 13.83 5.60 -20.31
N SER A 283 14.18 4.82 -19.28
CA SER A 283 13.88 5.16 -17.90
C SER A 283 14.58 6.43 -17.47
N LEU A 284 15.80 6.63 -17.93
CA LEU A 284 16.53 7.88 -17.68
C LEU A 284 15.79 9.05 -18.35
N LEU A 285 15.40 8.86 -19.60
CA LEU A 285 14.71 9.89 -20.38
C LEU A 285 13.39 10.32 -19.72
N LYS A 286 12.56 9.33 -19.41
CA LYS A 286 11.29 9.56 -18.71
C LYS A 286 11.47 10.33 -17.41
N PHE A 287 12.48 9.93 -16.64
CA PHE A 287 12.77 10.55 -15.38
C PHE A 287 13.11 12.03 -15.57
N VAL A 288 14.00 12.30 -16.52
CA VAL A 288 14.42 13.65 -16.84
C VAL A 288 13.24 14.54 -17.31
N GLU A 289 12.34 13.99 -18.09
CA GLU A 289 11.23 14.75 -18.67
C GLU A 289 10.06 14.93 -17.71
N MET A 290 9.92 14.01 -16.76
CA MET A 290 8.87 14.04 -15.75
C MET A 290 8.99 15.23 -14.80
N LYS A 291 7.85 15.77 -14.39
CA LYS A 291 7.77 16.78 -13.35
C LYS A 291 7.54 16.10 -12.01
N GLY A 292 8.20 16.58 -10.99
CA GLY A 292 8.00 16.03 -9.67
C GLY A 292 8.91 16.65 -8.65
N ASP A 293 8.59 16.38 -7.39
CA ASP A 293 9.46 16.65 -6.26
C ASP A 293 10.55 15.60 -6.26
N LEU A 294 11.77 16.08 -6.08
CA LEU A 294 12.98 15.26 -6.23
C LEU A 294 13.54 14.93 -4.88
N TYR A 295 13.93 13.67 -4.70
CA TYR A 295 14.53 13.19 -3.48
C TYR A 295 15.77 12.37 -3.76
N ASN A 296 16.70 12.42 -2.82
CA ASN A 296 17.70 11.40 -2.63
C ASN A 296 17.11 10.41 -1.64
N CYS A 297 16.84 9.19 -2.09
CA CYS A 297 16.34 8.11 -1.23
C CYS A 297 17.42 7.03 -1.21
N ASN A 298 18.20 6.98 -0.14
CA ASN A 298 19.28 5.99 -0.01
C ASN A 298 20.30 5.98 -1.16
N GLY A 299 20.59 7.15 -1.73
CA GLY A 299 21.58 7.27 -2.80
C GLY A 299 21.03 7.16 -4.22
N SER A 300 19.75 6.80 -4.35
CA SER A 300 19.07 6.84 -5.65
C SER A 300 18.29 8.14 -5.76
N LEU A 301 18.13 8.62 -6.99
CA LEU A 301 17.30 9.82 -7.25
C LEU A 301 15.88 9.39 -7.54
N VAL A 302 14.94 10.04 -6.86
CA VAL A 302 13.53 9.70 -6.95
C VAL A 302 12.72 10.97 -7.20
N LYS A 303 11.78 10.89 -8.12
CA LYS A 303 10.94 12.00 -8.53
C LYS A 303 9.47 11.63 -8.25
N VAL A 304 8.76 12.47 -7.52
CA VAL A 304 7.37 12.19 -7.17
C VAL A 304 6.49 13.31 -7.72
N PRO A 305 5.61 13.01 -8.71
CA PRO A 305 4.64 14.02 -9.12
C PRO A 305 3.85 14.57 -7.95
N SER A 306 3.58 15.86 -7.97
CA SER A 306 2.96 16.53 -6.85
C SER A 306 1.47 16.77 -7.04
N ASP A 307 0.89 16.23 -8.11
CA ASP A 307 -0.57 16.38 -8.33
C ASP A 307 -1.39 15.09 -8.12
N VAL A 308 -0.99 14.26 -7.16
CA VAL A 308 -1.66 12.95 -6.97
C VAL A 308 -3.12 13.14 -6.62
N ASN A 309 -3.45 14.18 -5.87
CA ASN A 309 -4.85 14.43 -5.51
C ASN A 309 -5.70 14.62 -6.81
N GLN A 310 -5.22 15.47 -7.72
CA GLN A 310 -5.85 15.67 -9.01
C GLN A 310 -5.90 14.36 -9.83
N LEU A 311 -4.81 13.58 -9.77
CA LEU A 311 -4.69 12.35 -10.55
C LEU A 311 -5.79 11.37 -10.13
N ILE A 312 -6.01 11.26 -8.82
CA ILE A 312 -7.07 10.40 -8.28
C ILE A 312 -8.47 10.81 -8.71
N GLU A 313 -8.77 12.09 -8.59
CA GLU A 313 -10.05 12.64 -9.06
C GLU A 313 -10.20 12.53 -10.57
N ASP A 314 -9.13 12.73 -11.34
CA ASP A 314 -9.26 12.58 -12.79
C ASP A 314 -9.63 11.12 -13.11
N ALA A 315 -8.95 10.15 -12.48
CA ALA A 315 -9.22 8.74 -12.77
C ALA A 315 -10.67 8.34 -12.44
N LEU A 316 -11.25 9.01 -11.47
CA LEU A 316 -12.61 8.73 -11.04
C LEU A 316 -13.62 9.68 -11.69
N ASN A 317 -13.17 10.47 -12.66
CA ASN A 317 -14.03 11.41 -13.34
C ASN A 317 -14.77 10.71 -14.48
N VAL A 318 -15.77 9.91 -14.10
CA VAL A 318 -16.57 9.09 -15.02
C VAL A 318 -17.99 9.21 -14.57
N LYS A 319 -18.91 9.29 -15.53
CA LYS A 319 -20.33 9.45 -15.24
C LYS A 319 -20.94 8.09 -14.97
N THR A 320 -20.68 7.57 -13.78
CA THR A 320 -21.27 6.30 -13.36
C THR A 320 -21.17 6.22 -11.85
N PHE A 321 -21.70 5.12 -11.31
CA PHE A 321 -21.70 4.90 -9.86
C PHE A 321 -20.33 4.44 -9.40
N LYS A 322 -19.84 5.01 -8.31
CA LYS A 322 -18.52 4.71 -7.80
C LYS A 322 -18.59 4.42 -6.32
N VAL A 323 -17.91 3.37 -5.87
CA VAL A 323 -17.75 3.04 -4.45
C VAL A 323 -16.26 2.87 -4.11
N LEU A 324 -15.83 3.47 -3.01
CA LEU A 324 -14.53 3.23 -2.41
C LEU A 324 -14.75 2.54 -1.06
N MET A 325 -14.08 1.43 -0.82
CA MET A 325 -14.32 0.66 0.39
C MET A 325 -13.06 0.08 1.03
N SER A 326 -13.18 -0.15 2.32
CA SER A 326 -12.08 -0.66 3.12
C SER A 326 -12.65 -1.10 4.46
N GLY A 327 -11.87 -1.90 5.17
CA GLY A 327 -12.17 -2.23 6.57
C GLY A 327 -11.49 -1.28 7.53
N THR A 328 -10.63 -0.43 6.98
CA THR A 328 -10.10 0.74 7.68
C THR A 328 -10.18 1.95 6.74
N LEU A 329 -11.40 2.40 6.47
CA LEU A 329 -11.62 3.59 5.64
C LEU A 329 -11.13 4.79 6.46
N PRO A 330 -10.05 5.44 6.00
CA PRO A 330 -9.42 6.47 6.83
C PRO A 330 -10.13 7.82 6.76
N GLU A 331 -10.05 8.58 7.85
CA GLU A 331 -10.63 9.93 7.91
C GLU A 331 -10.02 10.86 6.89
N SER A 332 -8.78 10.60 6.52
CA SER A 332 -8.04 11.44 5.60
C SER A 332 -8.29 11.10 4.17
N LEU A 333 -9.13 10.10 3.90
CA LEU A 333 -9.51 9.81 2.53
C LEU A 333 -10.67 10.71 2.16
N THR A 334 -10.40 11.62 1.22
CA THR A 334 -11.26 12.71 0.85
C THR A 334 -11.53 12.59 -0.62
N LEU A 335 -12.81 12.52 -1.00
CA LEU A 335 -13.20 12.61 -2.40
C LEU A 335 -14.31 13.63 -2.54
N THR A 336 -14.30 14.35 -3.65
CA THR A 336 -15.34 15.33 -3.97
C THR A 336 -16.69 14.59 -4.01
N ASN A 337 -17.74 15.27 -3.55
CA ASN A 337 -19.11 14.77 -3.67
C ASN A 337 -19.26 13.35 -3.13
N SER A 338 -18.69 13.13 -1.96
CA SER A 338 -18.73 11.83 -1.31
C SER A 338 -19.82 11.71 -0.23
N TYR A 339 -20.18 10.46 0.05
CA TYR A 339 -21.11 10.11 1.12
C TYR A 339 -20.57 8.82 1.77
N LYS A 340 -20.35 8.85 3.06
CA LYS A 340 -19.76 7.73 3.80
C LYS A 340 -20.82 6.92 4.58
N ILE A 341 -20.83 5.60 4.38
CA ILE A 341 -21.55 4.66 5.25
C ILE A 341 -20.54 3.88 6.12
N VAL A 342 -20.70 3.96 7.44
CA VAL A 342 -19.86 3.19 8.38
C VAL A 342 -20.68 2.07 8.99
N VAL A 343 -20.29 0.84 8.69
CA VAL A 343 -20.91 -0.35 9.29
C VAL A 343 -20.22 -0.59 10.62
N ASN A 344 -20.96 -0.40 11.71
CA ASN A 344 -20.40 -0.51 13.05
C ASN A 344 -20.63 -1.89 13.66
N GLU A 345 -21.22 -2.80 12.88
CA GLU A 345 -21.50 -4.18 13.33
C GLU A 345 -20.27 -4.84 13.96
N SER A 346 -19.09 -4.47 13.45
CA SER A 346 -17.81 -4.87 14.03
C SER A 346 -17.75 -4.68 15.54
N GLY A 348 -14.50 -8.49 17.86
CA GLY A 348 -15.63 -9.40 18.24
C GLY A 348 -15.72 -9.56 19.75
N ARG A 349 -14.58 -9.87 20.36
CA ARG A 349 -14.51 -10.08 21.81
C ARG A 349 -13.05 -10.07 22.27
N GLY A 350 -12.33 -9.03 21.88
CA GLY A 350 -10.90 -8.92 22.15
C GLY A 350 -10.57 -8.65 23.60
N GLU A 351 -9.72 -9.48 24.18
CA GLU A 351 -9.19 -9.24 25.51
C GLU A 351 -7.95 -8.37 25.34
N TYR A 352 -8.03 -7.11 25.79
CA TYR A 352 -7.02 -6.09 25.51
C TYR A 352 -6.11 -5.81 26.72
N TYR A 353 -4.80 -5.84 26.47
CA TYR A 353 -3.78 -5.45 27.44
C TYR A 353 -3.00 -4.24 26.93
N TYR A 354 -2.44 -3.47 27.87
CA TYR A 354 -1.75 -2.23 27.57
C TYR A 354 -0.47 -2.15 28.37
N CYS A 355 0.64 -1.89 27.67
CA CYS A 355 1.98 -1.85 28.27
C CYS A 355 2.41 -0.36 28.36
N PRO A 356 2.18 0.29 29.51
CA PRO A 356 2.36 1.74 29.58
C PRO A 356 3.81 2.21 29.79
N ASN A 357 4.70 1.28 30.14
CA ASN A 357 6.10 1.59 30.41
C ASN A 357 7.06 1.02 29.36
N VAL A 358 6.63 1.05 28.10
CA VAL A 358 7.48 0.62 26.98
C VAL A 358 7.07 1.48 25.80
N THR A 359 8.02 1.70 24.88
CA THR A 359 7.73 2.43 23.66
C THR A 359 8.75 2.10 22.59
N SER A 360 8.28 2.07 21.34
CA SER A 360 9.13 1.89 20.20
C SER A 360 9.46 3.22 19.56
N GLU A 361 9.14 4.32 20.24
CA GLU A 361 9.39 5.65 19.72
C GLU A 361 10.82 5.72 19.22
N LEU A 362 11.01 6.22 17.99
CA LEU A 362 12.30 6.08 17.29
C LEU A 362 13.51 6.46 18.13
N ARG A 363 13.49 7.66 18.70
CA ARG A 363 14.63 8.15 19.49
C ARG A 363 14.91 7.36 20.77
N LYS A 364 13.90 6.63 21.26
CA LYS A 364 14.03 5.86 22.49
C LYS A 364 14.08 4.35 22.24
N ARG A 365 13.97 3.94 20.98
CA ARG A 365 13.74 2.52 20.68
C ARG A 365 14.83 1.62 21.25
N ASN A 366 16.10 1.95 21.00
CA ASN A 366 17.23 1.16 21.44
C ASN A 366 17.20 0.87 22.94
N SER A 367 16.88 1.89 23.71
CA SER A 367 16.88 1.78 25.16
C SER A 367 15.71 0.91 25.70
N ASN A 368 14.68 0.75 24.89
CA ASN A 368 13.52 -0.09 25.21
C ASN A 368 13.64 -1.55 24.78
N ILE A 369 14.60 -1.86 23.92
CA ILE A 369 14.80 -3.24 23.41
C ILE A 369 14.82 -4.26 24.56
N PRO A 370 15.57 -4.00 25.66
CA PRO A 370 15.54 -5.00 26.73
C PRO A 370 14.17 -5.20 27.38
N ILE A 371 13.38 -4.16 27.45
CA ILE A 371 12.05 -4.24 28.03
C ILE A 371 11.16 -5.10 27.12
N TYR A 372 11.20 -4.83 25.81
CA TYR A 372 10.43 -5.63 24.84
C TYR A 372 10.81 -7.12 24.95
N SER A 373 12.10 -7.40 24.99
CA SER A 373 12.55 -8.79 25.02
C SER A 373 12.02 -9.52 26.28
N ILE A 374 12.04 -8.84 27.41
CA ILE A 374 11.56 -9.43 28.67
C ILE A 374 10.03 -9.60 28.63
N LEU A 375 9.32 -8.59 28.15
CA LEU A 375 7.87 -8.69 28.05
C LEU A 375 7.45 -9.85 27.14
N LEU A 376 8.15 -10.01 26.02
CA LEU A 376 7.76 -11.01 25.02
C LEU A 376 7.97 -12.41 25.58
N LYS A 377 9.04 -12.60 26.34
CA LYS A 377 9.32 -13.90 26.95
C LYS A 377 8.27 -14.23 28.01
N ARG A 378 7.93 -13.24 28.80
CA ARG A 378 6.84 -13.31 29.77
C ARG A 378 5.47 -13.60 29.12
N ILE A 379 5.25 -13.12 27.89
CA ILE A 379 3.98 -13.38 27.19
C ILE A 379 3.97 -14.77 26.57
N TYR A 380 5.12 -15.18 26.03
CA TYR A 380 5.27 -16.50 25.43
C TYR A 380 5.09 -17.62 26.47
N GLU A 381 5.78 -17.49 27.60
CA GLU A 381 5.74 -18.52 28.63
C GLU A 381 4.34 -18.68 29.24
N ASN A 382 3.64 -17.56 29.44
CA ASN A 382 2.32 -17.58 30.08
C ASN A 382 1.15 -17.82 29.12
N SER A 383 1.48 -18.00 27.84
CA SER A 383 0.52 -18.47 26.83
C SER A 383 0.68 -19.99 26.69
N SER A 384 -0.34 -20.63 26.10
CA SER A 384 -0.29 -22.07 25.84
C SER A 384 -0.18 -22.37 24.34
N LYS A 385 -0.76 -21.50 23.50
CA LYS A 385 -0.60 -21.57 22.05
C LYS A 385 0.45 -20.58 21.54
N SER A 386 0.75 -20.65 20.24
CA SER A 386 1.67 -19.70 19.61
C SER A 386 1.23 -18.24 19.77
N VAL A 387 2.20 -17.34 19.62
CA VAL A 387 2.01 -15.91 19.80
C VAL A 387 2.51 -15.12 18.59
N LEU A 388 1.59 -14.39 17.94
CA LEU A 388 1.96 -13.45 16.88
C LEU A 388 2.51 -12.16 17.48
N VAL A 389 3.67 -11.71 17.00
CA VAL A 389 4.25 -10.45 17.44
C VAL A 389 4.53 -9.58 16.22
N PHE A 390 4.03 -8.34 16.25
CA PHE A 390 4.22 -7.41 15.15
C PHE A 390 5.12 -6.28 15.57
N PHE A 391 6.11 -5.96 14.74
CA PHE A 391 7.01 -4.83 14.98
C PHE A 391 6.81 -3.80 13.90
N PRO A 392 7.04 -2.51 14.22
CA PRO A 392 6.94 -1.45 13.21
C PRO A 392 8.00 -1.54 12.10
N SER A 393 9.05 -2.33 12.29
CA SER A 393 10.09 -2.47 11.26
C SER A 393 10.81 -3.79 11.40
N TYR A 394 11.51 -4.18 10.34
CA TYR A 394 12.29 -5.40 10.39
C TYR A 394 13.54 -5.17 11.23
N GLU A 395 14.15 -3.98 11.09
CA GLU A 395 15.25 -3.60 11.96
C GLU A 395 14.91 -3.85 13.45
N MET A 396 13.74 -3.40 13.89
CA MET A 396 13.35 -3.63 15.27
C MET A 396 13.15 -5.10 15.61
N LEU A 397 12.43 -5.81 14.73
CA LEU A 397 12.20 -7.25 14.87
C LEU A 397 13.48 -8.00 15.19
N GLU A 398 14.50 -7.76 14.38
CA GLU A 398 15.78 -8.40 14.55
C GLU A 398 16.47 -7.99 15.85
N SER A 399 16.40 -6.70 16.19
CA SER A 399 17.09 -6.23 17.40
C SER A 399 16.49 -6.90 18.65
N VAL A 400 15.18 -7.12 18.65
CA VAL A 400 14.55 -7.92 19.71
C VAL A 400 14.85 -9.42 19.59
N ARG A 401 14.80 -9.96 18.38
CA ARG A 401 15.00 -11.42 18.17
C ARG A 401 16.28 -11.98 18.79
N ILE A 402 17.40 -11.29 18.64
CA ILE A 402 18.70 -11.75 19.23
C ILE A 402 18.71 -11.85 20.78
N HIS A 403 17.64 -11.39 21.45
CA HIS A 403 17.51 -11.50 22.90
C HIS A 403 16.39 -12.45 23.31
N LEU A 404 15.98 -13.33 22.40
CA LEU A 404 14.94 -14.32 22.69
C LEU A 404 15.50 -15.73 22.57
N SER A 405 16.79 -15.88 22.86
CA SER A 405 17.45 -17.18 22.87
C SER A 405 16.73 -18.09 23.86
N GLY A 406 16.51 -19.34 23.46
CA GLY A 406 15.77 -20.29 24.28
C GLY A 406 14.28 -20.32 24.02
N ILE A 407 13.79 -19.35 23.24
CA ILE A 407 12.40 -19.33 22.81
C ILE A 407 12.38 -19.65 21.32
N PRO A 408 11.58 -20.66 20.90
CA PRO A 408 11.35 -20.96 19.49
C PRO A 408 10.72 -19.78 18.74
N VAL A 409 11.32 -19.41 17.61
CA VAL A 409 10.92 -18.25 16.85
C VAL A 409 10.74 -18.59 15.37
N ILE A 410 9.63 -18.12 14.82
CA ILE A 410 9.36 -18.20 13.39
C ILE A 410 9.30 -16.78 12.84
N GLU A 411 10.05 -16.53 11.76
CA GLU A 411 9.89 -15.34 10.94
C GLU A 411 9.23 -15.77 9.66
N GLU A 412 8.72 -14.81 8.88
CA GLU A 412 8.13 -15.14 7.58
C GLU A 412 9.20 -15.30 6.49
N ASN A 413 9.56 -14.22 5.79
CA ASN A 413 10.34 -14.36 4.56
C ASN A 413 11.75 -14.95 4.79
N LYS A 414 12.28 -14.78 6.00
CA LYS A 414 13.49 -15.49 6.41
C LYS A 414 13.27 -16.99 6.25
N LYS A 415 13.64 -17.50 5.07
CA LYS A 415 13.55 -18.93 4.72
C LYS A 415 12.14 -19.53 4.61
N THR A 416 11.17 -18.94 5.31
CA THR A 416 9.88 -19.60 5.54
C THR A 416 8.73 -19.03 4.69
N ARG A 417 7.93 -19.92 4.13
CA ARG A 417 6.70 -19.56 3.44
C ARG A 417 5.51 -19.73 4.39
N HIS A 418 4.56 -18.79 4.35
CA HIS A 418 3.36 -18.83 5.20
C HIS A 418 2.82 -20.24 5.41
N GLU A 419 2.73 -21.01 4.32
CA GLU A 419 2.32 -22.41 4.37
C GLU A 419 3.04 -23.17 5.48
N GLU A 420 4.35 -22.96 5.58
CA GLU A 420 5.18 -23.64 6.56
C GLU A 420 4.88 -23.17 7.99
N VAL A 421 4.63 -21.87 8.14
CA VAL A 421 4.33 -21.28 9.45
C VAL A 421 3.17 -22.02 10.12
N LEU A 422 2.04 -22.11 9.41
CA LEU A 422 0.81 -22.74 9.92
C LEU A 422 1.03 -24.18 10.33
N GLU A 423 1.80 -24.91 9.53
CA GLU A 423 2.09 -26.32 9.80
C GLU A 423 2.82 -26.50 11.11
N LEU A 424 3.81 -25.63 11.34
CA LEU A 424 4.55 -25.63 12.60
C LEU A 424 3.66 -25.24 13.78
N MET A 425 2.77 -24.26 13.57
CA MET A 425 1.89 -23.77 14.63
C MET A 425 1.00 -24.87 15.20
N LYS A 426 0.38 -25.67 14.32
CA LYS A 426 -0.46 -26.78 14.76
C LYS A 426 0.29 -27.80 15.61
N THR A 427 1.61 -27.92 15.38
CA THR A 427 2.42 -28.91 16.07
C THR A 427 3.32 -28.35 17.19
N GLY A 428 3.13 -27.09 17.59
CA GLY A 428 3.94 -26.51 18.67
C GLY A 428 3.71 -25.03 18.97
N LYS A 429 4.26 -24.59 20.10
CA LYS A 429 4.15 -23.19 20.55
C LYS A 429 5.34 -22.36 20.11
N TYR A 430 5.10 -21.41 19.20
CA TYR A 430 6.14 -20.54 18.67
C TYR A 430 5.81 -19.05 18.84
N LEU A 431 6.88 -18.26 18.98
CA LEU A 431 6.78 -16.81 18.91
C LEU A 431 6.92 -16.39 17.45
N VAL A 432 5.79 -16.12 16.80
CA VAL A 432 5.81 -15.77 15.38
C VAL A 432 6.06 -14.26 15.22
N MET A 433 7.17 -13.88 14.58
CA MET A 433 7.61 -12.49 14.56
C MET A 433 7.44 -11.88 13.18
N LEU A 434 6.62 -10.84 13.10
CA LEU A 434 6.28 -10.20 11.83
C LEU A 434 6.39 -8.68 11.90
N VAL A 435 6.30 -8.07 10.73
CA VAL A 435 6.42 -6.63 10.57
C VAL A 435 5.07 -6.03 10.20
N MET A 436 4.81 -4.83 10.70
CA MET A 436 3.65 -4.07 10.26
C MET A 436 3.95 -3.31 8.96
N LEU A 452 -4.47 -22.63 16.16
CA LEU A 452 -3.96 -21.34 15.69
C LEU A 452 -3.06 -20.68 16.77
N PHE A 453 -3.44 -19.50 17.26
CA PHE A 453 -2.62 -18.71 18.17
C PHE A 453 -3.50 -18.04 19.22
N GLU A 454 -3.03 -17.99 20.45
CA GLU A 454 -3.78 -17.37 21.53
C GLU A 454 -3.83 -15.86 21.37
N SER A 455 -2.66 -15.24 21.22
CA SER A 455 -2.54 -13.80 21.35
C SER A 455 -1.73 -13.12 20.25
N LEU A 456 -2.00 -11.84 20.07
CA LEU A 456 -1.34 -10.99 19.10
C LEU A 456 -0.72 -9.84 19.90
N VAL A 457 0.54 -9.56 19.63
CA VAL A 457 1.22 -8.49 20.32
C VAL A 457 1.62 -7.45 19.30
N LEU A 458 1.24 -6.20 19.56
CA LEU A 458 1.76 -5.06 18.84
C LEU A 458 2.94 -4.50 19.61
N ALA A 459 4.12 -4.79 19.11
CA ALA A 459 5.36 -4.54 19.81
C ALA A 459 5.89 -3.20 19.32
N GLY A 460 5.28 -2.15 19.84
CA GLY A 460 5.53 -0.84 19.35
C GLY A 460 4.40 -0.36 18.46
N LEU A 461 4.45 0.92 18.17
CA LEU A 461 3.42 1.64 17.42
C LEU A 461 3.91 1.87 15.98
N PRO A 462 3.04 1.60 14.98
CA PRO A 462 3.44 1.79 13.59
C PRO A 462 3.31 3.27 13.17
N TYR A 463 4.10 4.11 13.83
CA TYR A 463 4.10 5.53 13.63
C TYR A 463 4.87 5.85 12.33
N PRO A 464 4.37 6.78 11.51
CA PRO A 464 5.10 6.99 10.25
C PRO A 464 6.48 7.59 10.45
N ASN A 465 7.41 7.28 9.55
CA ASN A 465 8.75 7.87 9.65
C ASN A 465 8.76 9.33 9.23
N VAL A 466 8.40 10.22 10.13
CA VAL A 466 8.26 11.64 9.79
C VAL A 466 9.59 12.33 9.41
N SER A 467 10.74 11.74 9.74
CA SER A 467 12.02 12.31 9.34
C SER A 467 12.34 12.01 7.87
N ASP A 468 11.58 11.10 7.26
CA ASP A 468 11.67 10.85 5.84
C ASP A 468 10.90 11.96 5.10
N ASP A 469 11.58 12.69 4.22
CA ASP A 469 10.97 13.87 3.57
C ASP A 469 9.81 13.51 2.63
N MET A 470 9.83 12.31 2.07
CA MET A 470 8.73 11.88 1.20
C MET A 470 7.48 11.53 2.03
N VAL A 471 7.67 10.86 3.16
CA VAL A 471 6.58 10.61 4.09
C VAL A 471 6.03 11.95 4.62
N ARG A 472 6.92 12.85 5.05
CA ARG A 472 6.55 14.17 5.47
C ARG A 472 5.76 14.89 4.37
N LYS A 473 6.24 14.91 3.14
CA LYS A 473 5.49 15.57 2.09
C LYS A 473 4.06 15.00 1.97
N ARG A 474 3.90 13.68 2.13
CA ARG A 474 2.59 13.01 2.05
C ARG A 474 1.64 13.52 3.12
N ILE A 475 2.16 13.65 4.33
CA ILE A 475 1.43 14.17 5.48
C ILE A 475 0.99 15.63 5.26
N GLU A 476 1.86 16.43 4.66
CA GLU A 476 1.54 17.83 4.32
C GLU A 476 0.45 17.88 3.26
N ARG A 477 0.65 17.08 2.21
CA ARG A 477 -0.32 16.98 1.15
C ARG A 477 -1.72 16.65 1.67
N LEU A 478 -1.81 15.66 2.56
CA LEU A 478 -3.10 15.23 3.10
C LEU A 478 -3.70 16.27 4.04
N SER A 479 -2.84 16.91 4.83
CA SER A 479 -3.25 17.99 5.69
C SER A 479 -3.90 19.09 4.86
N LYS A 480 -3.27 19.46 3.74
CA LYS A 480 -3.77 20.55 2.93
C LYS A 480 -5.09 20.16 2.29
N LEU A 481 -5.17 18.95 1.72
CA LEU A 481 -6.41 18.47 1.08
C LEU A 481 -7.58 18.43 2.07
N THR A 482 -7.34 17.92 3.27
CA THR A 482 -8.43 17.67 4.21
C THR A 482 -8.73 18.88 5.12
N GLY A 483 -7.80 19.82 5.23
CA GLY A 483 -7.90 20.89 6.21
C GLY A 483 -7.76 20.40 7.65
N LYS A 484 -7.18 19.22 7.82
CA LYS A 484 -6.90 18.67 9.14
C LYS A 484 -5.43 18.89 9.45
N ASP A 485 -5.09 19.07 10.72
CA ASP A 485 -3.69 19.32 11.07
C ASP A 485 -2.86 18.05 10.94
N GLU A 486 -1.55 18.23 10.88
CA GLU A 486 -0.65 17.15 10.53
C GLU A 486 -0.63 16.06 11.62
N ASP A 487 -0.81 16.47 12.87
CA ASP A 487 -0.92 15.50 13.95
C ASP A 487 -2.13 14.60 13.72
N SER A 488 -3.25 15.18 13.27
CA SER A 488 -4.43 14.34 12.98
C SER A 488 -4.21 13.41 11.77
N ILE A 489 -3.44 13.85 10.77
CA ILE A 489 -3.13 12.99 9.64
C ILE A 489 -2.24 11.82 10.09
N ILE A 490 -1.18 12.14 10.84
CA ILE A 490 -0.29 11.11 11.38
C ILE A 490 -1.10 10.09 12.19
N HIS A 491 -2.01 10.60 13.01
CA HIS A 491 -2.90 9.74 13.80
C HIS A 491 -3.68 8.76 12.91
N ASP A 492 -4.32 9.27 11.86
CA ASP A 492 -5.04 8.45 10.88
C ASP A 492 -4.14 7.38 10.24
N LEU A 493 -2.98 7.79 9.73
CA LEU A 493 -2.02 6.86 9.12
C LEU A 493 -1.59 5.73 10.08
N THR A 494 -1.39 6.08 11.35
CA THR A 494 -1.05 5.10 12.38
C THR A 494 -2.22 4.17 12.68
N ALA A 495 -3.41 4.73 12.87
CA ALA A 495 -4.61 3.95 13.17
C ALA A 495 -4.96 2.93 12.10
N ILE A 496 -4.76 3.28 10.84
CA ILE A 496 -4.96 2.35 9.73
C ILE A 496 -4.20 1.07 9.90
N VAL A 497 -2.92 1.23 10.19
CA VAL A 497 -1.98 0.12 10.27
C VAL A 497 -2.23 -0.72 11.54
N ILE A 498 -2.60 -0.06 12.64
CA ILE A 498 -2.97 -0.75 13.86
C ILE A 498 -4.17 -1.63 13.54
N LYS A 499 -5.18 -1.03 12.92
CA LYS A 499 -6.44 -1.72 12.63
C LYS A 499 -6.27 -2.82 11.59
N GLN A 500 -5.48 -2.58 10.55
CA GLN A 500 -5.24 -3.62 9.54
C GLN A 500 -4.46 -4.80 10.12
N THR A 501 -3.59 -4.54 11.08
CA THR A 501 -2.79 -5.58 11.74
C THR A 501 -3.66 -6.44 12.66
N ILE A 502 -4.46 -5.78 13.46
CA ILE A 502 -5.42 -6.46 14.33
C ILE A 502 -6.44 -7.23 13.48
N GLY A 503 -6.81 -6.66 12.32
CA GLY A 503 -7.71 -7.30 11.37
C GLY A 503 -7.19 -8.58 10.71
N ARG A 504 -5.87 -8.67 10.52
CA ARG A 504 -5.22 -9.93 10.08
C ARG A 504 -5.41 -11.07 11.10
N ALA A 505 -5.64 -10.72 12.36
CA ALA A 505 -5.74 -11.70 13.44
C ALA A 505 -7.11 -12.36 13.47
N PHE A 506 -8.16 -11.58 13.73
CA PHE A 506 -9.50 -12.13 13.88
C PHE A 506 -10.51 -11.56 12.89
N ARG A 507 -10.98 -12.41 11.97
CA ARG A 507 -12.03 -12.05 11.01
C ARG A 507 -13.26 -12.95 11.19
N ASP A 508 -13.45 -13.45 12.41
CA ASP A 508 -14.66 -14.19 12.78
C ASP A 508 -15.11 -13.69 14.16
N PRO A 509 -16.33 -13.12 14.26
CA PRO A 509 -16.89 -12.68 15.54
C PRO A 509 -16.61 -13.61 16.73
N ASN A 510 -16.66 -14.92 16.49
CA ASN A 510 -16.43 -15.91 17.54
C ASN A 510 -14.97 -16.08 17.99
N ASP A 511 -14.05 -15.25 17.48
CA ASP A 511 -12.65 -15.26 17.91
C ASP A 511 -12.48 -14.55 19.27
N TYR A 512 -11.81 -15.22 20.22
CA TYR A 512 -11.52 -14.64 21.53
C TYR A 512 -10.03 -14.26 21.64
N VAL A 513 -9.59 -13.34 20.79
CA VAL A 513 -8.16 -13.03 20.65
C VAL A 513 -7.61 -12.07 21.74
N LYS A 514 -6.50 -12.46 22.35
CA LYS A 514 -5.80 -11.61 23.31
C LYS A 514 -4.91 -10.62 22.56
N ILE A 515 -5.11 -9.33 22.78
CA ILE A 515 -4.33 -8.28 22.11
C ILE A 515 -3.46 -7.51 23.11
N TYR A 516 -2.14 -7.51 22.88
CA TYR A 516 -1.22 -6.74 23.71
C TYR A 516 -0.78 -5.46 22.99
N LEU A 517 -1.21 -4.33 23.52
CA LEU A 517 -0.91 -3.03 22.94
C LEU A 517 0.32 -2.51 23.66
N CYS A 518 1.47 -2.88 23.12
CA CYS A 518 2.71 -2.73 23.85
C CYS A 518 3.52 -1.51 23.43
N ASP A 519 2.96 -0.35 23.73
CA ASP A 519 3.60 0.94 23.53
C ASP A 519 2.75 1.91 24.33
N SER A 520 3.36 2.79 25.09
CA SER A 520 2.63 3.73 25.91
C SER A 520 1.68 4.56 25.05
N ARG A 521 2.09 4.83 23.82
CA ARG A 521 1.32 5.68 22.92
C ARG A 521 0.01 5.06 22.42
N TYR A 522 -0.19 3.76 22.64
CA TYR A 522 -1.50 3.14 22.31
C TYR A 522 -2.70 3.75 23.02
N ARG A 523 -2.46 4.47 24.12
CA ARG A 523 -3.53 5.18 24.83
C ARG A 523 -4.24 6.22 23.95
N GLU A 524 -3.53 6.80 22.98
CA GLU A 524 -4.15 7.73 22.04
C GLU A 524 -5.05 7.00 21.02
N TYR A 525 -4.99 5.68 20.99
CA TYR A 525 -5.71 4.89 19.98
C TYR A 525 -6.81 4.02 20.56
N PHE A 526 -7.00 4.06 21.88
CA PHE A 526 -8.04 3.25 22.52
C PHE A 526 -9.41 3.49 21.91
N ALA A 527 -9.75 4.75 21.69
CA ALA A 527 -11.04 5.14 21.15
C ALA A 527 -11.22 4.69 19.70
N ASP A 528 -10.16 4.79 18.90
CA ASP A 528 -10.20 4.27 17.54
C ASP A 528 -10.47 2.77 17.51
N LEU A 529 -10.01 2.04 18.52
CA LEU A 529 -10.13 0.59 18.56
C LEU A 529 -11.46 0.11 19.14
N GLY A 530 -12.28 1.05 19.61
CA GLY A 530 -13.60 0.72 20.13
C GLY A 530 -13.50 -0.05 21.43
N ILE A 531 -12.53 0.33 22.27
CA ILE A 531 -12.30 -0.33 23.54
C ILE A 531 -12.28 0.69 24.66
N SER A 532 -13.04 0.41 25.72
CA SER A 532 -13.14 1.30 26.86
C SER A 532 -11.95 1.08 27.78
N GLU A 533 -11.55 2.16 28.46
CA GLU A 533 -10.38 2.13 29.34
C GLU A 533 -10.63 1.30 30.62
N LYS A 534 -11.90 0.98 30.86
CA LYS A 534 -12.29 0.03 31.90
C LYS A 534 -11.86 -1.40 31.55
N GLU A 535 -12.15 -1.81 30.32
CA GLU A 535 -11.81 -3.15 29.83
C GLU A 535 -10.29 -3.43 29.75
N ILE A 536 -9.49 -2.38 29.63
CA ILE A 536 -8.05 -2.52 29.36
C ILE A 536 -7.24 -2.95 30.60
N LYS A 537 -6.53 -4.06 30.48
CA LYS A 537 -5.61 -4.53 31.52
C LYS A 537 -4.24 -3.87 31.37
N LEU A 538 -3.49 -3.82 32.47
CA LEU A 538 -2.13 -3.24 32.46
C LEU A 538 -1.08 -4.35 32.55
N PHE A 539 -0.05 -4.24 31.71
CA PHE A 539 0.97 -5.28 31.59
C PHE A 539 2.39 -4.69 31.65
N ALA A 540 3.15 -5.12 32.65
CA ALA A 540 4.52 -4.63 32.84
C ALA A 540 5.34 -5.60 33.66
#